data_6J57
#
_entry.id   6J57
#
_cell.length_a   66.766
_cell.length_b   72.173
_cell.length_c   119.032
_cell.angle_alpha   90.000
_cell.angle_beta   90.000
_cell.angle_gamma   90.000
#
_symmetry.space_group_name_H-M   'P 21 21 21'
#
loop_
_entity.id
_entity.type
_entity.pdbx_description
1 polymer 'Predicted 2-keto-4-pentenoate hydratase/2-oxohepta-3-ene-1,7-dioic acid hydratase'
2 non-polymer 'SULFATE ION'
3 non-polymer GLYCEROL
4 non-polymer '4-(2-HYDROXYETHYL)-1-PIPERAZINE ETHANESULFONIC ACID'
5 water water
#
_entity_poly.entity_id   1
_entity_poly.type   'polypeptide(L)'
_entity_poly.pdbx_seq_one_letter_code
;MRLATIRTNGTTIAARVESENTATTIEGFANVGELLQESNWRELAENAAGEAVTFENKELDAVVPAPKKIVCVGLNYANH
IKEMGRDLPDTPTLFVKFPDALIGPFDDVVVPEWANKALDWEGEMAVIIGKRARRVKQADAAEYIAGYAVMNDYTTRDFQ
YAAPAKTPQWHQGKSLEKSAGFGPWMTTPDSFEFGGELATYLEGEKVQSTPTNDLVFSPEKLIEYITHIYPLDAGDVIVT
GTPGGVGHARNPQRYIGDGETVKVEIAGLGFIENKTVFELEHHHHHH
;
_entity_poly.pdbx_strand_id   A,B
#
# COMPACT_ATOMS: atom_id res chain seq x y z
N MET A 1 5.56 21.32 -19.58
CA MET A 1 6.42 20.23 -20.09
C MET A 1 5.67 18.92 -19.88
N ARG A 2 5.86 17.95 -20.79
CA ARG A 2 5.22 16.63 -20.71
C ARG A 2 6.29 15.54 -20.72
N LEU A 3 6.27 14.63 -19.75
CA LEU A 3 7.26 13.54 -19.61
C LEU A 3 6.56 12.18 -19.71
N ALA A 4 7.17 11.25 -20.44
CA ALA A 4 6.64 9.92 -20.75
C ALA A 4 7.69 8.87 -20.47
N THR A 5 7.23 7.69 -20.16
CA THR A 5 8.05 6.45 -20.13
C THR A 5 7.64 5.72 -21.37
N ILE A 6 8.62 5.45 -22.24
CA ILE A 6 8.37 4.84 -23.58
C ILE A 6 9.11 3.50 -23.66
N ARG A 7 8.40 2.47 -24.06
CA ARG A 7 8.96 1.13 -24.31
C ARG A 7 9.64 1.17 -25.68
N THR A 8 10.90 0.75 -25.73
CA THR A 8 11.71 0.71 -26.97
C THR A 8 12.27 -0.72 -27.09
N ASN A 9 11.48 -1.62 -27.64
CA ASN A 9 11.89 -3.04 -27.80
C ASN A 9 12.26 -3.61 -26.42
N GLY A 10 13.51 -4.02 -26.21
CA GLY A 10 13.91 -4.62 -24.93
C GLY A 10 14.30 -3.62 -23.84
N THR A 11 14.24 -2.34 -24.13
CA THR A 11 14.60 -1.24 -23.19
C THR A 11 13.41 -0.31 -23.02
N THR A 12 13.51 0.60 -22.07
CA THR A 12 12.47 1.61 -21.77
C THR A 12 13.24 2.88 -21.42
N ILE A 13 12.72 4.05 -21.76
CA ILE A 13 13.39 5.35 -21.56
C ILE A 13 12.40 6.29 -20.87
N ALA A 14 12.94 7.25 -20.16
CA ALA A 14 12.26 8.50 -19.76
C ALA A 14 12.42 9.46 -20.92
N ALA A 15 11.38 10.18 -21.32
CA ALA A 15 11.47 11.08 -22.50
C ALA A 15 10.63 12.33 -22.29
N ARG A 16 11.09 13.44 -22.87
CA ARG A 16 10.32 14.70 -22.97
C ARG A 16 9.47 14.58 -24.23
N VAL A 17 8.15 14.65 -24.10
CA VAL A 17 7.22 14.55 -25.26
C VAL A 17 7.35 15.86 -26.05
N GLU A 18 7.44 15.78 -27.37
CA GLU A 18 7.64 16.93 -28.29
C GLU A 18 6.37 17.12 -29.12
N SER A 19 5.60 16.05 -29.33
CA SER A 19 4.33 16.05 -30.09
C SER A 19 3.59 14.77 -29.69
N GLU A 20 2.45 14.50 -30.30
CA GLU A 20 1.57 13.38 -29.91
C GLU A 20 2.35 12.07 -30.09
N ASN A 21 3.34 12.00 -30.97
CA ASN A 21 3.99 10.67 -31.23
C ASN A 21 5.51 10.82 -31.41
N THR A 22 6.10 11.90 -30.91
CA THR A 22 7.58 12.10 -30.90
C THR A 22 8.03 12.57 -29.52
N ALA A 23 9.22 12.16 -29.09
CA ALA A 23 9.81 12.62 -27.80
C ALA A 23 11.32 12.78 -27.95
N THR A 24 11.95 13.40 -26.96
CA THR A 24 13.42 13.45 -26.81
C THR A 24 13.83 12.62 -25.59
N THR A 25 14.75 11.67 -25.80
CA THR A 25 15.27 10.81 -24.71
C THR A 25 15.97 11.66 -23.66
N ILE A 26 15.62 11.41 -22.40
CA ILE A 26 16.35 11.94 -21.21
C ILE A 26 17.33 10.84 -20.80
N GLU A 27 18.58 11.01 -21.19
CA GLU A 27 19.66 10.00 -21.04
C GLU A 27 19.88 9.71 -19.56
N GLY A 28 20.12 8.43 -19.25
CA GLY A 28 20.50 7.95 -17.92
C GLY A 28 19.34 7.37 -17.12
N PHE A 29 18.12 7.34 -17.64
CA PHE A 29 16.95 6.87 -16.86
C PHE A 29 16.03 5.95 -17.68
N ALA A 30 15.57 4.87 -17.05
CA ALA A 30 14.69 3.86 -17.66
C ALA A 30 13.25 4.35 -17.68
N ASN A 31 12.87 5.21 -16.74
CA ASN A 31 11.47 5.70 -16.70
C ASN A 31 11.37 7.00 -15.94
N VAL A 32 10.18 7.59 -15.94
CA VAL A 32 9.97 8.90 -15.30
C VAL A 32 10.19 8.77 -13.77
N GLY A 33 9.83 7.63 -13.19
CA GLY A 33 9.95 7.42 -11.73
C GLY A 33 11.41 7.52 -11.29
N GLU A 34 12.31 6.83 -11.98
CA GLU A 34 13.78 6.92 -11.73
C GLU A 34 14.22 8.38 -11.85
N LEU A 35 13.81 9.03 -12.94
CA LEU A 35 14.17 10.44 -13.19
C LEU A 35 13.80 11.32 -11.99
N LEU A 36 12.61 11.15 -11.41
CA LEU A 36 12.08 12.01 -10.30
C LEU A 36 12.88 11.80 -8.99
N GLN A 37 13.66 10.74 -8.91
CA GLN A 37 14.48 10.51 -7.69
C GLN A 37 15.58 11.56 -7.66
N GLU A 38 15.90 12.14 -8.81
CA GLU A 38 17.00 13.13 -8.91
C GLU A 38 16.46 14.50 -8.48
N SER A 39 17.18 15.19 -7.59
CA SER A 39 16.73 16.52 -7.13
C SER A 39 16.59 17.52 -8.28
N ASN A 40 17.43 17.45 -9.30
CA ASN A 40 17.40 18.39 -10.44
C ASN A 40 16.68 17.78 -11.66
N TRP A 41 15.73 16.88 -11.42
CA TRP A 41 15.02 16.19 -12.52
C TRP A 41 14.42 17.20 -13.50
N ARG A 42 13.93 18.30 -12.98
CA ARG A 42 13.26 19.32 -13.80
C ARG A 42 14.28 19.89 -14.81
N GLU A 43 15.48 20.29 -14.38
CA GLU A 43 16.57 20.74 -15.30
C GLU A 43 16.99 19.63 -16.27
N LEU A 44 17.19 18.39 -15.79
CA LEU A 44 17.56 17.26 -16.68
C LEU A 44 16.49 17.10 -17.78
N ALA A 45 15.21 17.21 -17.45
CA ALA A 45 14.10 17.09 -18.43
C ALA A 45 14.11 18.28 -19.41
N GLU A 46 14.16 19.49 -18.88
CA GLU A 46 14.20 20.74 -19.68
C GLU A 46 15.41 20.71 -20.62
N ASN A 47 16.53 20.09 -20.21
CA ASN A 47 17.77 20.10 -21.04
C ASN A 47 17.99 18.76 -21.71
N ALA A 48 16.95 17.94 -21.84
CA ALA A 48 16.97 16.63 -22.53
C ALA A 48 17.72 16.79 -23.84
N ALA A 49 18.73 15.97 -24.06
CA ALA A 49 19.60 16.05 -25.26
C ALA A 49 19.82 14.65 -25.84
N GLY A 50 19.08 13.64 -25.40
CA GLY A 50 19.23 12.27 -25.95
C GLY A 50 18.61 12.15 -27.33
N GLU A 51 18.50 10.91 -27.84
CA GLU A 51 18.02 10.61 -29.21
C GLU A 51 16.54 10.99 -29.35
N ALA A 52 16.18 11.66 -30.45
CA ALA A 52 14.80 11.94 -30.86
C ALA A 52 14.16 10.59 -31.19
N VAL A 53 12.93 10.35 -30.73
CA VAL A 53 12.24 9.06 -31.02
C VAL A 53 10.81 9.33 -31.45
N THR A 54 10.27 8.36 -32.16
CA THR A 54 8.86 8.28 -32.58
C THR A 54 8.29 7.05 -31.89
N PHE A 55 7.09 7.15 -31.38
CA PHE A 55 6.50 6.08 -30.55
C PHE A 55 5.05 5.92 -31.00
N GLU A 56 4.60 4.68 -31.01
CA GLU A 56 3.16 4.36 -31.12
C GLU A 56 2.56 4.44 -29.72
N ASN A 57 1.27 4.72 -29.65
CA ASN A 57 0.49 4.81 -28.40
C ASN A 57 0.78 3.61 -27.51
N LYS A 58 0.63 2.41 -28.06
CA LYS A 58 0.72 1.15 -27.29
C LYS A 58 2.16 0.95 -26.82
N GLU A 59 3.13 1.80 -27.21
CA GLU A 59 4.53 1.68 -26.71
C GLU A 59 4.70 2.54 -25.45
N LEU A 60 3.72 3.36 -25.09
CA LEU A 60 3.81 4.13 -23.81
C LEU A 60 3.63 3.14 -22.65
N ASP A 61 4.48 3.23 -21.64
CA ASP A 61 4.34 2.51 -20.36
C ASP A 61 3.54 3.37 -19.37
N ALA A 62 3.09 2.80 -18.25
CA ALA A 62 2.61 3.62 -17.11
C ALA A 62 3.61 4.74 -16.88
N VAL A 63 3.16 5.99 -16.81
CA VAL A 63 4.08 7.15 -16.86
C VAL A 63 5.08 7.03 -15.72
N VAL A 64 4.61 6.62 -14.55
CA VAL A 64 5.46 6.28 -13.39
C VAL A 64 5.13 4.82 -13.09
N PRO A 65 5.94 3.87 -13.61
CA PRO A 65 5.61 2.46 -13.55
C PRO A 65 5.80 1.79 -12.19
N ALA A 66 6.66 2.30 -11.29
CA ALA A 66 6.94 1.68 -9.98
C ALA A 66 6.90 2.74 -8.87
N PRO A 67 5.78 3.45 -8.63
CA PRO A 67 5.70 4.37 -7.48
C PRO A 67 5.74 3.49 -6.23
N LYS A 68 6.25 3.99 -5.12
CA LYS A 68 6.24 3.24 -3.83
C LYS A 68 4.84 3.27 -3.22
N LYS A 69 4.08 4.32 -3.50
CA LYS A 69 2.74 4.55 -2.89
C LYS A 69 1.82 5.09 -3.97
N ILE A 70 0.69 4.44 -4.12
CA ILE A 70 -0.47 5.02 -4.83
C ILE A 70 -1.61 5.19 -3.83
N VAL A 71 -1.88 6.41 -3.44
CA VAL A 71 -2.92 6.68 -2.43
C VAL A 71 -4.13 7.18 -3.19
N CYS A 72 -5.26 6.49 -3.03
CA CYS A 72 -6.51 6.72 -3.78
C CYS A 72 -7.52 7.41 -2.85
N VAL A 73 -8.25 8.38 -3.39
CA VAL A 73 -9.30 9.14 -2.67
C VAL A 73 -10.66 8.58 -3.10
N GLY A 74 -11.65 8.64 -2.21
CA GLY A 74 -13.04 8.29 -2.53
C GLY A 74 -13.75 9.42 -3.24
N LEU A 75 -14.91 9.80 -2.71
CA LEU A 75 -15.78 10.89 -3.22
C LEU A 75 -15.00 12.19 -3.17
N ASN A 76 -14.90 12.93 -4.27
CA ASN A 76 -14.15 14.20 -4.19
C ASN A 76 -14.67 15.26 -5.17
N TYR A 77 -15.77 15.03 -5.89
CA TYR A 77 -16.37 16.10 -6.73
C TYR A 77 -17.63 16.68 -6.06
N ALA A 78 -17.59 17.94 -5.64
CA ALA A 78 -18.60 18.58 -4.75
C ALA A 78 -20.00 18.44 -5.35
N ASN A 79 -20.18 18.85 -6.61
CA ASN A 79 -21.50 18.85 -7.29
C ASN A 79 -22.02 17.42 -7.36
N HIS A 80 -21.19 16.41 -7.59
CA HIS A 80 -21.61 14.98 -7.57
C HIS A 80 -22.14 14.61 -6.18
N ILE A 81 -21.38 14.93 -5.13
CA ILE A 81 -21.71 14.58 -3.73
C ILE A 81 -23.02 15.28 -3.32
N LYS A 82 -23.13 16.57 -3.56
CA LYS A 82 -24.38 17.35 -3.26
C LYS A 82 -25.57 16.74 -4.02
N GLU A 83 -25.43 16.37 -5.30
CA GLU A 83 -26.56 15.83 -6.10
C GLU A 83 -26.98 14.47 -5.57
N MET A 84 -26.10 13.74 -4.91
CA MET A 84 -26.52 12.47 -4.26
C MET A 84 -27.20 12.78 -2.92
N GLY A 85 -27.27 14.05 -2.50
CA GLY A 85 -27.93 14.45 -1.24
C GLY A 85 -27.06 14.19 -0.03
N ARG A 86 -25.74 14.17 -0.22
CA ARG A 86 -24.76 13.93 0.86
C ARG A 86 -24.16 15.27 1.27
N ASP A 87 -23.81 15.42 2.54
CA ASP A 87 -22.90 16.49 3.02
C ASP A 87 -21.54 16.27 2.34
N LEU A 88 -20.81 17.33 2.08
CA LEU A 88 -19.40 17.22 1.66
C LEU A 88 -18.65 16.63 2.83
N PRO A 89 -17.68 15.72 2.57
CA PRO A 89 -16.84 15.17 3.63
C PRO A 89 -15.93 16.26 4.20
N ASP A 90 -15.68 16.20 5.50
CA ASP A 90 -14.70 17.03 6.23
C ASP A 90 -13.34 16.34 6.13
N THR A 91 -13.33 15.04 5.92
CA THR A 91 -12.11 14.19 5.95
C THR A 91 -11.99 13.42 4.65
N PRO A 92 -10.79 13.37 4.03
CA PRO A 92 -10.61 12.52 2.86
C PRO A 92 -10.77 11.05 3.21
N THR A 93 -11.46 10.35 2.32
CA THR A 93 -11.43 8.86 2.24
C THR A 93 -10.14 8.43 1.51
N LEU A 94 -9.38 7.49 2.09
CA LEU A 94 -8.07 7.02 1.54
C LEU A 94 -8.00 5.49 1.53
N PHE A 95 -7.49 4.91 0.43
CA PHE A 95 -7.27 3.46 0.34
C PHE A 95 -6.11 3.26 -0.63
N VAL A 96 -5.54 2.06 -0.64
CA VAL A 96 -4.25 1.84 -1.36
C VAL A 96 -4.50 0.95 -2.59
N LYS A 97 -3.87 1.33 -3.70
CA LYS A 97 -3.69 0.50 -4.91
C LYS A 97 -2.21 0.15 -4.98
N PHE A 98 -1.88 -1.13 -5.06
CA PHE A 98 -0.46 -1.51 -5.23
C PHE A 98 -0.02 -1.22 -6.67
N PRO A 99 1.25 -0.81 -6.86
CA PRO A 99 1.75 -0.47 -8.20
C PRO A 99 1.72 -1.66 -9.18
N ASP A 100 1.64 -2.88 -8.67
CA ASP A 100 1.38 -4.08 -9.48
C ASP A 100 0.13 -3.88 -10.33
N ALA A 101 -0.80 -3.02 -9.90
CA ALA A 101 -2.07 -2.82 -10.64
C ALA A 101 -1.85 -1.93 -11.88
N LEU A 102 -0.75 -1.17 -11.97
CA LEU A 102 -0.53 -0.18 -13.06
C LEU A 102 -0.31 -0.90 -14.41
N ILE A 103 -0.90 -0.35 -15.46
CA ILE A 103 -0.56 -0.69 -16.87
C ILE A 103 -0.35 0.58 -17.67
N GLY A 104 0.12 0.39 -18.90
CA GLY A 104 0.36 1.50 -19.82
C GLY A 104 -0.95 2.20 -20.17
N PRO A 105 -0.91 3.45 -20.62
CA PRO A 105 -2.14 4.18 -20.94
C PRO A 105 -2.99 3.60 -22.09
N PHE A 106 -2.45 2.72 -22.95
CA PHE A 106 -3.22 2.10 -24.05
C PHE A 106 -3.17 0.58 -23.94
N ASP A 107 -2.64 0.06 -22.83
CA ASP A 107 -2.52 -1.40 -22.59
C ASP A 107 -3.89 -2.04 -22.44
N ASP A 108 -4.00 -3.33 -22.79
CA ASP A 108 -5.22 -4.14 -22.55
C ASP A 108 -5.26 -4.50 -21.06
N VAL A 109 -6.44 -4.52 -20.47
CA VAL A 109 -6.68 -5.01 -19.09
C VAL A 109 -7.08 -6.49 -19.19
N VAL A 110 -6.14 -7.37 -18.87
CA VAL A 110 -6.33 -8.82 -19.01
C VAL A 110 -6.83 -9.37 -17.69
N VAL A 111 -8.05 -9.89 -17.68
CA VAL A 111 -8.83 -10.17 -16.44
C VAL A 111 -9.04 -11.67 -16.31
N PRO A 112 -8.63 -12.28 -15.18
CA PRO A 112 -8.85 -13.70 -14.95
C PRO A 112 -10.33 -13.98 -14.66
N GLU A 113 -10.74 -15.23 -14.83
CA GLU A 113 -12.17 -15.64 -14.76
C GLU A 113 -12.80 -15.23 -13.41
N TRP A 114 -12.10 -15.42 -12.28
CA TRP A 114 -12.65 -15.21 -10.92
C TRP A 114 -12.83 -13.71 -10.62
N ALA A 115 -12.34 -12.83 -11.50
CA ALA A 115 -12.36 -11.36 -11.27
C ALA A 115 -13.29 -10.66 -12.27
N ASN A 116 -13.98 -11.34 -13.18
CA ASN A 116 -14.56 -10.67 -14.36
C ASN A 116 -16.07 -10.35 -14.22
N LYS A 117 -16.71 -10.56 -13.06
CA LYS A 117 -18.19 -10.51 -12.90
C LYS A 117 -18.70 -9.09 -12.73
N ALA A 118 -17.92 -8.17 -12.15
CA ALA A 118 -18.41 -6.79 -11.88
C ALA A 118 -17.29 -5.77 -12.13
N LEU A 119 -16.71 -5.76 -13.34
CA LEU A 119 -15.62 -4.83 -13.75
C LEU A 119 -16.22 -3.44 -13.97
N ASP A 120 -15.60 -2.42 -13.37
CA ASP A 120 -16.15 -1.05 -13.43
C ASP A 120 -15.02 -0.02 -13.57
N TRP A 121 -15.36 1.11 -14.21
CA TRP A 121 -14.46 2.23 -14.52
C TRP A 121 -14.52 3.26 -13.40
N GLU A 122 -13.42 3.98 -13.21
CA GLU A 122 -13.39 5.20 -12.38
C GLU A 122 -12.30 6.06 -12.97
N GLY A 123 -12.68 7.00 -13.84
CA GLY A 123 -11.80 7.99 -14.50
C GLY A 123 -11.40 9.06 -13.52
N GLU A 124 -10.09 9.27 -13.34
CA GLU A 124 -9.58 10.11 -12.26
C GLU A 124 -8.35 10.89 -12.74
N MET A 125 -8.07 12.01 -12.10
CA MET A 125 -6.76 12.66 -12.25
C MET A 125 -5.74 12.00 -11.29
N ALA A 126 -4.51 11.85 -11.76
CA ALA A 126 -3.36 11.48 -10.88
C ALA A 126 -2.50 12.70 -10.62
N VAL A 127 -2.03 12.81 -9.38
CA VAL A 127 -1.04 13.81 -8.91
C VAL A 127 0.26 13.06 -8.61
N ILE A 128 1.33 13.42 -9.29
CA ILE A 128 2.65 12.76 -9.12
C ILE A 128 3.52 13.71 -8.29
N ILE A 129 4.09 13.16 -7.21
CA ILE A 129 4.94 13.89 -6.24
C ILE A 129 6.35 14.07 -6.82
N GLY A 130 6.94 15.23 -6.67
CA GLY A 130 8.22 15.56 -7.32
C GLY A 130 9.39 15.64 -6.34
N LYS A 131 9.12 15.64 -5.03
CA LYS A 131 10.20 15.55 -4.02
C LYS A 131 9.59 15.08 -2.71
N ARG A 132 10.41 14.52 -1.82
CA ARG A 132 9.92 13.88 -0.57
C ARG A 132 9.07 14.91 0.20
N ALA A 133 7.87 14.51 0.57
CA ALA A 133 6.85 15.36 1.22
C ALA A 133 6.46 14.74 2.56
N ARG A 134 6.89 15.36 3.65
CA ARG A 134 6.59 14.94 5.04
C ARG A 134 6.06 16.12 5.81
N ARG A 135 4.81 16.03 6.33
CA ARG A 135 4.18 17.09 7.16
C ARG A 135 4.19 18.40 6.41
N VAL A 136 3.73 18.39 5.16
CA VAL A 136 3.73 19.58 4.27
C VAL A 136 2.42 20.34 4.50
N LYS A 137 2.50 21.65 4.66
CA LYS A 137 1.30 22.51 4.82
C LYS A 137 0.74 22.80 3.42
N GLN A 138 -0.56 23.02 3.36
CA GLN A 138 -1.30 23.20 2.10
C GLN A 138 -0.70 24.37 1.32
N ALA A 139 -0.31 25.43 2.01
CA ALA A 139 0.25 26.64 1.38
C ALA A 139 1.58 26.33 0.66
N ASP A 140 2.29 25.26 1.03
CA ASP A 140 3.62 24.87 0.48
C ASP A 140 3.49 23.70 -0.51
N ALA A 141 2.33 23.07 -0.61
CA ALA A 141 2.14 21.71 -1.17
C ALA A 141 2.44 21.65 -2.67
N ALA A 142 2.19 22.74 -3.41
CA ALA A 142 2.35 22.81 -4.88
C ALA A 142 3.82 22.68 -5.25
N GLU A 143 4.75 23.09 -4.39
CA GLU A 143 6.21 22.82 -4.60
C GLU A 143 6.51 21.32 -4.67
N TYR A 144 5.67 20.47 -4.10
CA TYR A 144 5.89 18.99 -4.06
C TYR A 144 5.22 18.26 -5.24
N ILE A 145 4.52 18.98 -6.14
CA ILE A 145 3.82 18.37 -7.28
C ILE A 145 4.72 18.41 -8.51
N ALA A 146 5.12 17.24 -9.02
CA ALA A 146 5.87 17.11 -10.29
C ALA A 146 4.91 17.43 -11.44
N GLY A 147 3.66 16.96 -11.33
CA GLY A 147 2.74 17.06 -12.47
C GLY A 147 1.52 16.21 -12.30
N TYR A 148 0.75 16.14 -13.37
CA TYR A 148 -0.58 15.50 -13.39
C TYR A 148 -0.63 14.51 -14.54
N ALA A 149 -1.49 13.52 -14.37
CA ALA A 149 -1.76 12.52 -15.39
C ALA A 149 -3.16 11.97 -15.15
N VAL A 150 -3.51 10.95 -15.90
CA VAL A 150 -4.88 10.39 -15.96
C VAL A 150 -4.76 8.95 -15.48
N MET A 151 -5.66 8.51 -14.61
CA MET A 151 -5.69 7.08 -14.22
C MET A 151 -7.12 6.55 -14.29
N ASN A 152 -7.26 5.28 -14.66
CA ASN A 152 -8.52 4.51 -14.46
C ASN A 152 -8.37 3.70 -13.17
N ASP A 153 -9.09 4.08 -12.11
CA ASP A 153 -9.12 3.34 -10.83
C ASP A 153 -10.01 2.13 -11.06
N TYR A 154 -9.52 1.20 -11.87
CA TYR A 154 -10.26 0.06 -12.45
C TYR A 154 -10.68 -0.84 -11.29
N THR A 155 -11.98 -1.17 -11.22
CA THR A 155 -12.58 -1.71 -9.98
C THR A 155 -13.17 -3.08 -10.25
N THR A 156 -13.02 -3.99 -9.28
CA THR A 156 -13.80 -5.26 -9.21
C THR A 156 -14.82 -5.12 -8.09
N ARG A 157 -16.05 -4.71 -8.39
CA ARG A 157 -17.01 -4.21 -7.36
C ARG A 157 -17.41 -5.35 -6.42
N ASP A 158 -17.45 -6.59 -6.92
CA ASP A 158 -17.77 -7.77 -6.08
C ASP A 158 -16.67 -7.88 -5.01
N PHE A 159 -15.41 -7.70 -5.37
CA PHE A 159 -14.30 -7.76 -4.38
C PHE A 159 -14.34 -6.52 -3.47
N GLN A 160 -14.61 -5.36 -4.05
CA GLN A 160 -14.54 -4.07 -3.32
C GLN A 160 -15.48 -4.14 -2.09
N TYR A 161 -16.64 -4.77 -2.23
CA TYR A 161 -17.70 -4.70 -1.20
C TYR A 161 -17.77 -6.01 -0.44
N ALA A 162 -16.81 -6.91 -0.58
CA ALA A 162 -16.94 -8.30 -0.07
C ALA A 162 -16.77 -8.36 1.45
N ALA A 163 -15.80 -7.66 2.06
CA ALA A 163 -15.36 -7.95 3.45
C ALA A 163 -14.81 -6.73 4.17
N PRO A 164 -15.29 -6.43 5.40
CA PRO A 164 -16.45 -7.12 5.96
C PRO A 164 -17.75 -6.51 5.43
N ALA A 165 -18.81 -7.30 5.33
CA ALA A 165 -20.10 -6.97 4.65
C ALA A 165 -20.63 -5.60 5.10
N LYS A 166 -20.61 -5.28 6.39
CA LYS A 166 -21.22 -4.02 6.91
C LYS A 166 -20.35 -2.80 6.61
N THR A 167 -19.01 -2.92 6.68
CA THR A 167 -18.06 -1.81 6.41
C THR A 167 -16.91 -2.33 5.57
N PRO A 168 -17.17 -2.71 4.30
CA PRO A 168 -16.13 -3.37 3.51
C PRO A 168 -14.90 -2.49 3.30
N GLN A 169 -13.72 -3.10 3.37
CA GLN A 169 -12.45 -2.47 2.94
C GLN A 169 -12.31 -2.72 1.44
N TRP A 170 -12.16 -1.64 0.69
CA TRP A 170 -12.24 -1.59 -0.79
C TRP A 170 -10.97 -2.13 -1.44
N HIS A 171 -9.83 -1.97 -0.76
CA HIS A 171 -8.49 -2.30 -1.30
C HIS A 171 -8.54 -3.54 -2.19
N GLN A 172 -9.13 -4.66 -1.75
CA GLN A 172 -9.01 -5.95 -2.49
C GLN A 172 -9.77 -5.85 -3.80
N GLY A 173 -10.66 -4.87 -3.92
CA GLY A 173 -11.39 -4.55 -5.16
C GLY A 173 -10.69 -3.50 -5.99
N LYS A 174 -9.56 -2.96 -5.52
CA LYS A 174 -8.97 -1.73 -6.11
C LYS A 174 -7.50 -1.94 -6.49
N SER A 175 -7.02 -3.17 -6.49
CA SER A 175 -5.58 -3.45 -6.67
C SER A 175 -5.38 -4.71 -7.52
N LEU A 176 -6.34 -5.07 -8.37
CA LEU A 176 -6.16 -6.21 -9.29
C LEU A 176 -4.87 -5.98 -10.12
N GLU A 177 -4.06 -7.03 -10.23
CA GLU A 177 -2.83 -7.05 -11.03
C GLU A 177 -3.16 -6.50 -12.41
N LYS A 178 -2.38 -5.55 -12.92
CA LYS A 178 -2.39 -5.08 -14.33
C LYS A 178 -3.79 -4.67 -14.78
N SER A 179 -4.39 -3.66 -14.14
CA SER A 179 -5.79 -3.27 -14.33
C SER A 179 -5.96 -1.78 -14.61
N ALA A 180 -5.04 -0.92 -14.17
CA ALA A 180 -5.22 0.54 -14.08
C ALA A 180 -4.32 1.27 -15.09
N GLY A 181 -4.87 1.71 -16.20
CA GLY A 181 -4.09 2.53 -17.13
C GLY A 181 -3.71 3.86 -16.50
N PHE A 182 -2.53 4.36 -16.84
CA PHE A 182 -1.86 5.49 -16.17
C PHE A 182 -0.99 6.23 -17.19
N GLY A 183 -1.38 7.43 -17.54
CA GLY A 183 -0.61 8.35 -18.40
C GLY A 183 -1.55 9.38 -19.00
N PRO A 184 -1.46 9.68 -20.31
CA PRO A 184 -0.48 9.06 -21.23
C PRO A 184 0.96 9.50 -20.92
N TRP A 185 1.04 10.59 -20.19
CA TRP A 185 2.30 11.25 -19.82
C TRP A 185 1.95 12.23 -18.71
N MET A 186 2.97 12.76 -18.07
CA MET A 186 2.83 13.68 -16.93
C MET A 186 3.01 15.09 -17.47
N THR A 187 2.05 15.95 -17.20
CA THR A 187 2.12 17.38 -17.56
C THR A 187 2.48 18.15 -16.30
N THR A 188 3.48 19.01 -16.37
CA THR A 188 3.92 19.85 -15.22
C THR A 188 2.84 20.87 -14.92
N PRO A 189 2.72 21.29 -13.65
CA PRO A 189 1.63 22.17 -13.22
C PRO A 189 1.61 23.52 -13.93
N ASP A 190 2.78 24.05 -14.30
CA ASP A 190 2.94 25.31 -15.09
C ASP A 190 2.29 25.16 -16.47
N SER A 191 2.05 23.95 -16.95
CA SER A 191 1.51 23.68 -18.30
C SER A 191 0.07 23.19 -18.21
N PHE A 192 -0.54 23.27 -17.02
CA PHE A 192 -1.90 22.73 -16.82
C PHE A 192 -2.75 23.74 -16.06
N GLU A 193 -4.00 23.89 -16.50
CA GLU A 193 -4.98 24.77 -15.83
C GLU A 193 -6.16 23.90 -15.40
N PHE A 194 -6.57 23.93 -14.12
CA PHE A 194 -7.75 23.20 -13.61
C PHE A 194 -9.01 23.88 -14.16
N GLY A 195 -10.09 23.15 -14.39
CA GLY A 195 -11.34 23.72 -14.93
C GLY A 195 -11.85 22.94 -16.13
N GLY A 196 -10.95 22.35 -16.92
CA GLY A 196 -11.33 21.53 -18.09
C GLY A 196 -12.11 20.30 -17.67
N GLU A 197 -12.75 19.61 -18.61
CA GLU A 197 -13.60 18.43 -18.33
C GLU A 197 -12.73 17.16 -18.17
N LEU A 198 -13.08 16.38 -17.16
CA LEU A 198 -12.66 14.98 -16.96
C LEU A 198 -13.87 14.18 -17.39
N ALA A 199 -13.69 13.30 -18.36
CA ALA A 199 -14.76 12.48 -18.95
C ALA A 199 -14.29 11.03 -19.07
N THR A 200 -15.21 10.09 -18.92
CA THR A 200 -14.98 8.64 -19.13
C THR A 200 -15.98 8.18 -20.19
N TYR A 201 -15.52 7.34 -21.12
CA TYR A 201 -16.33 6.77 -22.22
C TYR A 201 -16.22 5.26 -22.15
N LEU A 202 -17.37 4.59 -22.18
CA LEU A 202 -17.49 3.12 -22.38
C LEU A 202 -17.94 2.92 -23.84
N GLU A 203 -17.12 2.21 -24.64
CA GLU A 203 -17.34 2.02 -26.09
C GLU A 203 -17.74 3.36 -26.74
N GLY A 204 -17.02 4.44 -26.47
CA GLY A 204 -17.25 5.74 -27.11
C GLY A 204 -18.47 6.51 -26.60
N GLU A 205 -19.27 5.96 -25.67
CA GLU A 205 -20.42 6.67 -25.02
C GLU A 205 -19.97 7.26 -23.67
N LYS A 206 -20.26 8.54 -23.42
CA LYS A 206 -19.86 9.25 -22.18
C LYS A 206 -20.64 8.75 -20.97
N VAL A 207 -19.93 8.28 -19.96
CA VAL A 207 -20.50 7.65 -18.74
C VAL A 207 -20.12 8.46 -17.50
N GLN A 208 -19.20 9.41 -17.60
CA GLN A 208 -18.79 10.25 -16.44
C GLN A 208 -18.32 11.60 -16.96
N SER A 209 -18.57 12.67 -16.22
CA SER A 209 -18.19 14.03 -16.65
C SER A 209 -18.14 14.97 -15.45
N THR A 210 -17.07 15.76 -15.31
CA THR A 210 -16.96 16.80 -14.27
C THR A 210 -15.96 17.83 -14.74
N PRO A 211 -16.14 19.11 -14.38
CA PRO A 211 -15.02 20.04 -14.40
C PRO A 211 -13.97 19.57 -13.38
N THR A 212 -12.68 19.72 -13.71
CA THR A 212 -11.56 19.27 -12.84
C THR A 212 -11.39 20.20 -11.63
N ASN A 213 -12.06 21.37 -11.62
CA ASN A 213 -11.87 22.36 -10.53
C ASN A 213 -13.05 22.29 -9.55
N ASP A 214 -13.75 21.17 -9.44
CA ASP A 214 -14.89 21.02 -8.50
C ASP A 214 -14.50 20.07 -7.36
N LEU A 215 -13.21 20.02 -6.96
CA LEU A 215 -12.74 19.08 -5.89
C LEU A 215 -13.22 19.58 -4.53
N VAL A 216 -13.57 18.68 -3.63
CA VAL A 216 -13.73 19.02 -2.19
C VAL A 216 -12.32 19.18 -1.63
N PHE A 217 -11.43 18.24 -1.93
CA PHE A 217 -10.03 18.23 -1.45
C PHE A 217 -9.10 18.42 -2.65
N SER A 218 -8.46 19.58 -2.72
CA SER A 218 -7.45 19.92 -3.75
C SER A 218 -6.26 18.97 -3.65
N PRO A 219 -5.43 18.86 -4.72
CA PRO A 219 -4.12 18.21 -4.59
C PRO A 219 -3.36 18.71 -3.35
N GLU A 220 -3.35 20.03 -3.13
CA GLU A 220 -2.59 20.65 -2.01
C GLU A 220 -3.13 20.16 -0.67
N LYS A 221 -4.47 20.14 -0.51
CA LYS A 221 -5.13 19.64 0.71
C LYS A 221 -4.80 18.15 0.91
N LEU A 222 -4.83 17.37 -0.14
CA LEU A 222 -4.60 15.91 0.00
C LEU A 222 -3.14 15.68 0.40
N ILE A 223 -2.20 16.46 -0.15
CA ILE A 223 -0.77 16.39 0.25
C ILE A 223 -0.65 16.72 1.73
N GLU A 224 -1.30 17.80 2.20
CA GLU A 224 -1.21 18.17 3.62
C GLU A 224 -1.77 17.04 4.44
N TYR A 225 -2.92 16.52 4.06
CA TYR A 225 -3.65 15.57 4.92
C TYR A 225 -2.83 14.27 5.01
N ILE A 226 -2.45 13.73 3.84
CA ILE A 226 -1.71 12.43 3.75
C ILE A 226 -0.34 12.53 4.41
N THR A 227 0.44 13.59 4.20
CA THR A 227 1.85 13.69 4.65
C THR A 227 1.94 13.99 6.14
N HIS A 228 0.82 14.23 6.81
CA HIS A 228 0.79 14.28 8.29
C HIS A 228 0.51 12.89 8.85
N ILE A 229 0.19 11.89 8.01
CA ILE A 229 0.07 10.47 8.48
C ILE A 229 1.36 9.72 8.11
N TYR A 230 1.75 9.76 6.84
CA TYR A 230 3.06 9.19 6.38
C TYR A 230 3.61 10.03 5.25
N PRO A 231 4.94 9.97 4.99
CA PRO A 231 5.53 10.73 3.89
C PRO A 231 5.20 10.18 2.51
N LEU A 232 5.25 11.07 1.51
CA LEU A 232 5.19 10.74 0.06
C LEU A 232 6.57 11.00 -0.54
N ASP A 233 7.10 9.99 -1.23
CA ASP A 233 8.41 10.10 -1.90
C ASP A 233 8.17 10.64 -3.30
N ALA A 234 9.22 11.20 -3.88
CA ALA A 234 9.28 11.50 -5.32
C ALA A 234 8.80 10.26 -6.09
N GLY A 235 7.91 10.45 -7.08
CA GLY A 235 7.38 9.37 -7.93
C GLY A 235 6.15 8.74 -7.32
N ASP A 236 5.74 9.13 -6.10
CA ASP A 236 4.51 8.58 -5.50
C ASP A 236 3.29 9.27 -6.11
N VAL A 237 2.12 8.65 -6.01
CA VAL A 237 0.91 9.03 -6.79
C VAL A 237 -0.28 9.19 -5.83
N ILE A 238 -0.95 10.34 -5.88
CA ILE A 238 -2.31 10.51 -5.33
C ILE A 238 -3.30 10.50 -6.49
N VAL A 239 -4.29 9.65 -6.43
CA VAL A 239 -5.41 9.62 -7.39
C VAL A 239 -6.59 10.34 -6.72
N THR A 240 -7.08 11.44 -7.29
CA THR A 240 -7.87 12.44 -6.51
C THR A 240 -9.37 12.15 -6.50
N GLY A 241 -9.79 11.02 -7.04
CA GLY A 241 -11.18 10.52 -6.90
C GLY A 241 -11.95 10.62 -8.20
N THR A 242 -13.16 10.05 -8.22
CA THR A 242 -14.00 9.97 -9.42
C THR A 242 -15.34 10.65 -9.16
N PRO A 243 -15.96 11.23 -10.21
CA PRO A 243 -17.34 11.76 -10.11
C PRO A 243 -18.37 10.63 -10.25
N GLY A 244 -19.63 11.00 -10.46
CA GLY A 244 -20.71 10.00 -10.66
C GLY A 244 -20.62 9.30 -12.00
N GLY A 245 -21.57 8.39 -12.26
CA GLY A 245 -21.76 7.71 -13.55
C GLY A 245 -20.97 6.41 -13.66
N VAL A 246 -20.50 5.88 -12.52
CA VAL A 246 -19.89 4.53 -12.47
C VAL A 246 -21.02 3.52 -12.78
N GLY A 247 -20.66 2.40 -13.43
CA GLY A 247 -21.58 1.34 -13.88
C GLY A 247 -22.35 0.70 -12.74
N HIS A 248 -21.69 0.54 -11.58
CA HIS A 248 -22.27 -0.04 -10.35
C HIS A 248 -23.50 0.74 -9.88
N ALA A 249 -23.49 2.08 -10.01
CA ALA A 249 -24.51 3.03 -9.53
C ALA A 249 -25.64 3.17 -10.57
N ARG A 250 -25.39 2.84 -11.84
CA ARG A 250 -26.35 3.01 -12.97
C ARG A 250 -27.54 2.07 -12.80
N ASN A 251 -28.63 2.39 -13.51
CA ASN A 251 -29.94 1.66 -13.50
C ASN A 251 -30.41 1.49 -14.93
N PRO A 252 -30.18 0.34 -15.60
CA PRO A 252 -29.59 -0.85 -14.96
C PRO A 252 -28.07 -0.74 -14.70
N GLN A 253 -27.54 -1.60 -13.82
CA GLN A 253 -26.10 -1.76 -13.54
C GLN A 253 -25.37 -2.31 -14.77
N ARG A 254 -24.37 -1.59 -15.25
CA ARG A 254 -23.59 -1.93 -16.46
C ARG A 254 -22.15 -2.17 -15.98
N TYR A 255 -21.60 -3.35 -16.23
CA TYR A 255 -20.18 -3.66 -15.96
C TYR A 255 -19.45 -3.81 -17.30
N ILE A 256 -18.12 -3.72 -17.29
CA ILE A 256 -17.29 -3.85 -18.52
C ILE A 256 -17.32 -5.33 -18.93
N GLY A 257 -17.62 -5.57 -20.19
CA GLY A 257 -17.63 -6.92 -20.75
C GLY A 257 -16.42 -7.12 -21.62
N ASP A 258 -16.21 -8.36 -22.07
CA ASP A 258 -15.04 -8.78 -22.88
C ASP A 258 -14.98 -7.93 -24.16
N GLY A 259 -13.85 -7.27 -24.39
CA GLY A 259 -13.56 -6.54 -25.62
C GLY A 259 -13.98 -5.09 -25.55
N GLU A 260 -14.59 -4.66 -24.44
CA GLU A 260 -15.08 -3.26 -24.33
C GLU A 260 -13.98 -2.34 -23.82
N THR A 261 -13.97 -1.12 -24.35
CA THR A 261 -12.91 -0.12 -24.19
C THR A 261 -13.42 1.03 -23.31
N VAL A 262 -12.65 1.36 -22.26
CA VAL A 262 -12.89 2.56 -21.42
C VAL A 262 -11.82 3.60 -21.76
N LYS A 263 -12.25 4.79 -22.14
CA LYS A 263 -11.37 5.94 -22.42
C LYS A 263 -11.56 6.95 -21.28
N VAL A 264 -10.46 7.40 -20.67
CA VAL A 264 -10.51 8.52 -19.69
C VAL A 264 -9.75 9.71 -20.25
N GLU A 265 -10.45 10.83 -20.35
CA GLU A 265 -9.85 12.04 -20.94
C GLU A 265 -9.96 13.19 -19.96
N ILE A 266 -8.85 13.91 -19.81
CA ILE A 266 -8.81 15.18 -19.05
C ILE A 266 -8.27 16.23 -20.00
N ALA A 267 -9.11 17.22 -20.32
CA ALA A 267 -8.75 18.37 -21.17
C ALA A 267 -7.50 18.98 -20.55
N GLY A 268 -6.44 19.10 -21.33
CA GLY A 268 -5.15 19.65 -20.89
C GLY A 268 -4.13 18.59 -20.52
N LEU A 269 -4.53 17.33 -20.31
CA LEU A 269 -3.62 16.27 -19.87
C LEU A 269 -3.53 15.16 -20.90
N GLY A 270 -4.55 14.98 -21.73
CA GLY A 270 -4.60 13.89 -22.74
C GLY A 270 -5.59 12.83 -22.30
N PHE A 271 -5.44 11.63 -22.82
CA PHE A 271 -6.38 10.55 -22.52
C PHE A 271 -5.64 9.23 -22.44
N ILE A 272 -6.29 8.26 -21.81
CA ILE A 272 -5.88 6.84 -21.78
C ILE A 272 -7.04 6.06 -22.37
N GLU A 273 -6.78 4.86 -22.87
CA GLU A 273 -7.81 4.06 -23.54
C GLU A 273 -7.40 2.59 -23.43
N ASN A 274 -8.12 1.84 -22.62
CA ASN A 274 -7.74 0.48 -22.22
C ASN A 274 -8.90 -0.44 -22.60
N LYS A 275 -8.61 -1.49 -23.36
CA LYS A 275 -9.60 -2.51 -23.75
C LYS A 275 -9.51 -3.66 -22.76
N THR A 276 -10.65 -4.03 -22.20
CA THR A 276 -10.78 -5.16 -21.27
C THR A 276 -10.75 -6.42 -22.12
N VAL A 277 -9.88 -7.36 -21.78
CA VAL A 277 -9.76 -8.67 -22.46
C VAL A 277 -9.84 -9.75 -21.38
N PHE A 278 -10.78 -10.64 -21.47
CA PHE A 278 -10.85 -11.72 -20.53
C PHE A 278 -9.77 -12.72 -20.96
N GLU A 279 -8.95 -13.19 -20.05
CA GLU A 279 -7.91 -14.10 -20.44
C GLU A 279 -8.40 -15.51 -20.86
N LEU A 280 -7.68 -16.12 -21.77
CA LEU A 280 -7.84 -17.54 -22.10
C LEU A 280 -9.21 -18.16 -22.21
N MET B 1 15.71 -21.56 12.65
CA MET B 1 16.69 -20.51 12.43
C MET B 1 16.00 -19.16 12.70
N ARG B 2 16.77 -18.17 13.15
CA ARG B 2 16.27 -16.85 13.55
C ARG B 2 17.12 -15.77 12.86
N LEU B 3 16.46 -14.88 12.11
CA LEU B 3 17.07 -13.84 11.27
C LEU B 3 16.62 -12.46 11.76
N ALA B 4 17.58 -11.58 12.01
CA ALA B 4 17.29 -10.22 12.48
C ALA B 4 17.95 -9.19 11.57
N THR B 5 17.40 -7.98 11.65
CA THR B 5 18.04 -6.75 11.14
C THR B 5 18.51 -6.00 12.38
N ILE B 6 19.80 -5.77 12.47
CA ILE B 6 20.47 -5.18 13.66
C ILE B 6 21.18 -3.91 13.22
N ARG B 7 21.03 -2.85 14.02
CA ARG B 7 21.75 -1.57 13.84
C ARG B 7 23.14 -1.70 14.46
N THR B 8 24.16 -1.43 13.66
CA THR B 8 25.61 -1.49 14.02
C THR B 8 26.36 -0.58 13.05
N ASN B 9 27.36 0.16 13.53
CA ASN B 9 28.27 1.00 12.70
C ASN B 9 27.48 2.06 11.96
N GLY B 10 26.44 2.60 12.57
CA GLY B 10 25.59 3.65 11.96
C GLY B 10 24.87 3.19 10.71
N THR B 11 24.81 1.87 10.45
CA THR B 11 24.04 1.27 9.33
C THR B 11 23.24 0.05 9.84
N THR B 12 22.80 -0.84 8.96
CA THR B 12 22.11 -2.07 9.39
C THR B 12 22.67 -3.28 8.66
N ILE B 13 22.52 -4.43 9.26
CA ILE B 13 22.98 -5.73 8.73
C ILE B 13 21.83 -6.73 8.86
N ALA B 14 21.86 -7.77 8.05
CA ALA B 14 21.10 -8.99 8.29
C ALA B 14 21.98 -9.92 9.14
N ALA B 15 21.39 -10.62 10.11
CA ALA B 15 22.22 -11.38 11.08
C ALA B 15 21.48 -12.66 11.46
N ARG B 16 22.23 -13.75 11.63
CA ARG B 16 21.70 -14.98 12.24
C ARG B 16 21.79 -14.81 13.75
N VAL B 17 20.65 -14.93 14.42
CA VAL B 17 20.52 -14.80 15.90
C VAL B 17 21.05 -16.10 16.50
N GLU B 18 22.02 -16.01 17.40
CA GLU B 18 22.68 -17.20 17.99
C GLU B 18 22.23 -17.39 19.45
N SER B 19 21.87 -16.28 20.11
CA SER B 19 21.23 -16.22 21.45
C SER B 19 20.49 -14.89 21.60
N GLU B 20 19.84 -14.70 22.74
CA GLU B 20 18.97 -13.54 23.03
C GLU B 20 19.72 -12.21 22.80
N ASN B 21 21.05 -12.21 22.86
CA ASN B 21 21.85 -10.98 22.67
C ASN B 21 23.12 -11.24 21.85
N THR B 22 23.23 -12.33 21.10
CA THR B 22 24.39 -12.53 20.19
C THR B 22 23.89 -12.88 18.78
N ALA B 23 24.64 -12.45 17.77
CA ALA B 23 24.34 -12.80 16.38
C ALA B 23 25.61 -12.84 15.55
N THR B 24 25.48 -13.39 14.34
CA THR B 24 26.53 -13.40 13.31
C THR B 24 26.00 -12.68 12.07
N THR B 25 26.71 -11.61 11.70
CA THR B 25 26.45 -10.81 10.49
C THR B 25 26.44 -11.73 9.27
N ILE B 26 25.44 -11.56 8.42
CA ILE B 26 25.38 -12.22 7.09
C ILE B 26 25.86 -11.15 6.12
N GLU B 27 27.07 -11.33 5.59
CA GLU B 27 27.74 -10.27 4.79
C GLU B 27 26.95 -10.02 3.51
N GLY B 28 26.87 -8.74 3.12
CA GLY B 28 26.43 -8.27 1.80
C GLY B 28 24.97 -7.84 1.83
N PHE B 29 24.31 -7.82 2.98
CA PHE B 29 22.86 -7.54 3.08
C PHE B 29 22.60 -6.54 4.20
N ALA B 30 21.85 -5.50 3.91
CA ALA B 30 21.57 -4.43 4.91
C ALA B 30 20.47 -4.91 5.87
N ASN B 31 19.63 -5.85 5.44
CA ASN B 31 18.50 -6.35 6.27
C ASN B 31 17.99 -7.70 5.74
N VAL B 32 17.10 -8.32 6.51
CA VAL B 32 16.53 -9.65 6.20
C VAL B 32 15.77 -9.60 4.88
N GLY B 33 15.07 -8.49 4.60
CA GLY B 33 14.31 -8.33 3.35
C GLY B 33 15.21 -8.45 2.12
N GLU B 34 16.37 -7.78 2.12
CA GLU B 34 17.38 -7.88 1.04
C GLU B 34 17.91 -9.31 0.97
N LEU B 35 18.18 -9.92 2.11
CA LEU B 35 18.68 -11.33 2.12
C LEU B 35 17.65 -12.24 1.47
N LEU B 36 16.35 -12.05 1.70
CA LEU B 36 15.30 -12.94 1.13
C LEU B 36 15.13 -12.76 -0.39
N GLN B 37 15.68 -11.71 -1.00
CA GLN B 37 15.69 -11.59 -2.49
C GLN B 37 16.60 -12.70 -3.09
N GLU B 38 17.51 -13.29 -2.33
CA GLU B 38 18.38 -14.38 -2.88
C GLU B 38 17.64 -15.70 -2.76
N SER B 39 17.59 -16.51 -3.82
CA SER B 39 16.95 -17.85 -3.74
C SER B 39 17.70 -18.74 -2.75
N ASN B 40 18.99 -18.54 -2.54
CA ASN B 40 19.82 -19.34 -1.60
C ASN B 40 19.97 -18.61 -0.26
N TRP B 41 18.94 -17.92 0.24
CA TRP B 41 19.07 -17.14 1.50
C TRP B 41 19.34 -18.09 2.67
N ARG B 42 18.73 -19.27 2.69
CA ARG B 42 18.92 -20.21 3.81
C ARG B 42 20.41 -20.60 3.89
N GLU B 43 21.01 -20.98 2.77
CA GLU B 43 22.45 -21.36 2.69
C GLU B 43 23.29 -20.19 3.23
N LEU B 44 23.01 -18.97 2.77
CA LEU B 44 23.76 -17.74 3.17
C LEU B 44 23.64 -17.53 4.67
N ALA B 45 22.43 -17.72 5.23
CA ALA B 45 22.18 -17.59 6.67
C ALA B 45 22.96 -18.68 7.42
N GLU B 46 23.00 -19.89 6.88
CA GLU B 46 23.71 -21.02 7.57
C GLU B 46 25.23 -20.76 7.53
N ASN B 47 25.74 -19.99 6.57
CA ASN B 47 27.20 -19.78 6.39
C ASN B 47 27.61 -18.36 6.84
N ALA B 48 26.81 -17.70 7.68
CA ALA B 48 27.07 -16.34 8.21
C ALA B 48 28.52 -16.27 8.72
N ALA B 49 29.36 -15.44 8.10
CA ALA B 49 30.81 -15.39 8.36
C ALA B 49 31.23 -13.96 8.71
N GLY B 50 30.26 -13.05 8.90
CA GLY B 50 30.52 -11.64 9.18
C GLY B 50 30.83 -11.42 10.66
N GLU B 51 30.89 -10.17 11.07
CA GLU B 51 31.26 -9.83 12.46
C GLU B 51 30.27 -10.47 13.45
N ALA B 52 30.82 -11.05 14.53
CA ALA B 52 30.08 -11.43 15.74
C ALA B 52 29.58 -10.14 16.39
N VAL B 53 28.32 -10.08 16.74
CA VAL B 53 27.74 -8.89 17.39
C VAL B 53 27.02 -9.34 18.66
N THR B 54 27.23 -8.58 19.71
CA THR B 54 26.45 -8.63 20.97
C THR B 54 25.55 -7.39 20.96
N PHE B 55 24.24 -7.55 21.03
CA PHE B 55 23.30 -6.42 20.76
C PHE B 55 22.32 -6.27 21.93
N GLU B 56 22.05 -5.01 22.24
CA GLU B 56 20.91 -4.56 23.08
C GLU B 56 19.62 -4.65 22.26
N ASN B 57 18.51 -4.96 22.93
CA ASN B 57 17.14 -5.01 22.35
C ASN B 57 16.90 -3.79 21.44
N LYS B 58 17.31 -2.59 21.84
CA LYS B 58 16.96 -1.36 21.08
C LYS B 58 17.87 -1.23 19.84
N GLU B 59 18.81 -2.15 19.65
CA GLU B 59 19.66 -2.20 18.44
C GLU B 59 18.98 -3.07 17.38
N LEU B 60 17.88 -3.77 17.71
CA LEU B 60 17.09 -4.50 16.69
C LEU B 60 16.29 -3.51 15.82
N ASP B 61 16.45 -3.59 14.51
CA ASP B 61 15.56 -2.85 13.58
C ASP B 61 14.28 -3.66 13.35
N ALA B 62 13.27 -3.06 12.72
CA ALA B 62 12.17 -3.82 12.12
C ALA B 62 12.77 -4.99 11.32
N VAL B 63 12.26 -6.21 11.51
CA VAL B 63 12.98 -7.43 11.01
C VAL B 63 13.04 -7.37 9.48
N VAL B 64 11.93 -7.00 8.84
CA VAL B 64 11.87 -6.64 7.39
C VAL B 64 11.48 -5.18 7.33
N PRO B 65 12.48 -4.27 7.25
CA PRO B 65 12.22 -2.86 7.40
C PRO B 65 11.59 -2.24 6.13
N ALA B 66 11.80 -2.81 4.93
CA ALA B 66 11.33 -2.22 3.65
C ALA B 66 10.64 -3.28 2.79
N PRO B 67 9.59 -3.94 3.30
CA PRO B 67 8.79 -4.79 2.45
C PRO B 67 8.06 -3.93 1.41
N LYS B 68 7.83 -4.49 0.23
CA LYS B 68 7.04 -3.78 -0.82
C LYS B 68 5.55 -3.78 -0.45
N LYS B 69 5.08 -4.78 0.28
CA LYS B 69 3.66 -4.97 0.64
C LYS B 69 3.57 -5.46 2.08
N ILE B 70 2.68 -4.83 2.83
CA ILE B 70 2.20 -5.31 4.14
C ILE B 70 0.69 -5.40 4.02
N VAL B 71 0.18 -6.60 3.92
CA VAL B 71 -1.28 -6.88 3.77
C VAL B 71 -1.78 -7.36 5.12
N CYS B 72 -2.73 -6.62 5.71
CA CYS B 72 -3.27 -6.81 7.06
C CYS B 72 -4.67 -7.40 6.98
N VAL B 73 -4.95 -8.33 7.86
CA VAL B 73 -6.28 -9.01 7.90
C VAL B 73 -7.13 -8.42 9.04
N GLY B 74 -8.44 -8.43 8.89
CA GLY B 74 -9.30 -8.02 10.00
C GLY B 74 -9.54 -9.17 10.97
N LEU B 75 -10.80 -9.54 11.13
CA LEU B 75 -11.17 -10.63 12.08
C LEU B 75 -10.58 -11.96 11.59
N ASN B 76 -9.94 -12.72 12.47
CA ASN B 76 -9.34 -14.01 12.03
C ASN B 76 -9.25 -15.04 13.15
N TYR B 77 -9.54 -14.69 14.41
CA TYR B 77 -9.50 -15.64 15.54
C TYR B 77 -10.93 -16.14 15.79
N ALA B 78 -11.14 -17.39 15.42
CA ALA B 78 -12.46 -18.06 15.47
C ALA B 78 -13.16 -17.88 16.81
N ASN B 79 -12.50 -18.24 17.91
CA ASN B 79 -13.08 -18.20 19.28
C ASN B 79 -13.42 -16.77 19.64
N HIS B 80 -12.53 -15.81 19.35
CA HIS B 80 -12.79 -14.36 19.53
C HIS B 80 -14.09 -13.98 18.81
N ILE B 81 -14.24 -14.36 17.53
CA ILE B 81 -15.39 -13.99 16.67
C ILE B 81 -16.67 -14.62 17.24
N LYS B 82 -16.60 -15.86 17.73
CA LYS B 82 -17.78 -16.57 18.30
C LYS B 82 -18.19 -15.90 19.63
N GLU B 83 -17.24 -15.57 20.53
CA GLU B 83 -17.55 -14.83 21.79
C GLU B 83 -18.30 -13.54 21.45
N MET B 84 -18.02 -12.90 20.33
CA MET B 84 -18.74 -11.68 19.89
C MET B 84 -20.15 -12.06 19.39
N GLY B 85 -20.47 -13.35 19.26
CA GLY B 85 -21.80 -13.81 18.85
C GLY B 85 -22.08 -13.55 17.39
N ARG B 86 -21.08 -13.59 16.50
CA ARG B 86 -21.31 -13.47 15.04
C ARG B 86 -20.70 -14.65 14.28
N ASP B 87 -21.06 -14.78 13.01
CA ASP B 87 -20.67 -15.91 12.13
C ASP B 87 -19.19 -15.78 11.77
N LEU B 88 -18.52 -16.91 11.53
CA LEU B 88 -17.15 -16.94 10.98
C LEU B 88 -17.24 -16.32 9.60
N PRO B 89 -16.40 -15.33 9.25
CA PRO B 89 -16.37 -14.83 7.88
C PRO B 89 -15.94 -15.90 6.88
N ASP B 90 -16.45 -15.85 5.65
CA ASP B 90 -16.00 -16.78 4.58
C ASP B 90 -15.04 -16.06 3.64
N THR B 91 -14.87 -14.73 3.75
CA THR B 91 -13.93 -13.92 2.93
C THR B 91 -13.00 -13.11 3.81
N PRO B 92 -11.67 -13.16 3.60
CA PRO B 92 -10.71 -12.33 4.33
C PRO B 92 -10.95 -10.81 4.16
N THR B 93 -10.94 -10.08 5.27
CA THR B 93 -10.85 -8.61 5.27
C THR B 93 -9.37 -8.29 5.04
N LEU B 94 -9.05 -7.47 4.04
CA LEU B 94 -7.66 -7.04 3.72
C LEU B 94 -7.59 -5.51 3.65
N PHE B 95 -6.53 -4.95 4.23
CA PHE B 95 -6.23 -3.51 4.14
C PHE B 95 -4.71 -3.34 4.19
N VAL B 96 -4.21 -2.16 3.80
CA VAL B 96 -2.73 -2.00 3.61
C VAL B 96 -2.13 -1.13 4.70
N LYS B 97 -0.95 -1.55 5.16
CA LYS B 97 -0.05 -0.75 6.00
C LYS B 97 1.18 -0.42 5.15
N PHE B 98 1.48 0.85 5.07
CA PHE B 98 2.69 1.25 4.32
C PHE B 98 3.93 0.88 5.16
N PRO B 99 5.06 0.52 4.53
CA PRO B 99 6.31 0.21 5.22
C PRO B 99 6.89 1.32 6.11
N ASP B 100 6.54 2.58 5.84
CA ASP B 100 6.87 3.77 6.68
C ASP B 100 6.32 3.63 8.12
N ALA B 101 5.27 2.84 8.37
CA ALA B 101 4.68 2.58 9.70
C ALA B 101 5.61 1.70 10.57
N LEU B 102 6.44 0.87 9.95
CA LEU B 102 7.30 -0.09 10.69
C LEU B 102 8.34 0.60 11.58
N ILE B 103 8.55 0.09 12.80
CA ILE B 103 9.69 0.49 13.68
C ILE B 103 10.31 -0.77 14.25
N GLY B 104 11.43 -0.56 14.94
CA GLY B 104 12.14 -1.61 15.67
C GLY B 104 11.25 -2.20 16.75
N PRO B 105 11.46 -3.51 17.05
CA PRO B 105 10.63 -4.23 18.01
C PRO B 105 10.68 -3.63 19.44
N PHE B 106 11.66 -2.77 19.72
CA PHE B 106 11.81 -2.14 21.05
C PHE B 106 11.79 -0.60 20.96
N ASP B 107 11.54 -0.04 19.77
CA ASP B 107 11.58 1.43 19.53
C ASP B 107 10.40 2.11 20.21
N ASP B 108 10.63 3.33 20.67
CA ASP B 108 9.56 4.25 21.11
C ASP B 108 8.64 4.55 19.92
N VAL B 109 7.34 4.54 20.14
CA VAL B 109 6.37 5.09 19.17
C VAL B 109 6.21 6.56 19.50
N VAL B 110 6.77 7.45 18.68
CA VAL B 110 6.69 8.91 18.89
C VAL B 110 5.50 9.43 18.08
N VAL B 111 4.48 9.93 18.78
CA VAL B 111 3.17 10.29 18.21
C VAL B 111 3.01 11.81 18.20
N PRO B 112 2.74 12.41 17.03
CA PRO B 112 2.44 13.83 16.98
C PRO B 112 1.06 14.12 17.58
N GLU B 113 0.82 15.38 17.96
CA GLU B 113 -0.36 15.80 18.76
C GLU B 113 -1.68 15.48 18.03
N TRP B 114 -1.73 15.60 16.70
CA TRP B 114 -2.97 15.41 15.90
C TRP B 114 -3.36 13.93 15.87
N ALA B 115 -2.46 13.03 16.25
CA ALA B 115 -2.66 11.57 16.15
C ALA B 115 -2.79 10.91 17.55
N ASN B 116 -2.78 11.67 18.65
CA ASN B 116 -2.50 11.05 19.98
C ASN B 116 -3.80 10.79 20.74
N LYS B 117 -4.97 10.98 20.13
CA LYS B 117 -6.26 11.04 20.88
C LYS B 117 -6.85 9.65 21.11
N ALA B 118 -6.55 8.66 20.26
CA ALA B 118 -7.27 7.37 20.28
C ALA B 118 -6.33 6.25 19.84
N LEU B 119 -5.19 6.18 20.52
CA LEU B 119 -4.11 5.22 20.22
C LEU B 119 -4.51 3.85 20.78
N ASP B 120 -4.36 2.79 20.01
CA ASP B 120 -4.79 1.45 20.44
C ASP B 120 -3.77 0.41 19.96
N TRP B 121 -3.75 -0.71 20.67
CA TRP B 121 -2.86 -1.88 20.43
C TRP B 121 -3.61 -2.89 19.58
N GLU B 122 -2.89 -3.64 18.77
CA GLU B 122 -3.40 -4.84 18.09
C GLU B 122 -2.24 -5.84 17.96
N GLY B 123 -2.09 -6.76 18.90
CA GLY B 123 -1.00 -7.75 18.83
C GLY B 123 -1.32 -8.78 17.78
N GLU B 124 -0.38 -9.13 16.91
CA GLU B 124 -0.64 -9.95 15.69
C GLU B 124 0.60 -10.76 15.31
N MET B 125 0.39 -11.88 14.62
CA MET B 125 1.48 -12.62 13.96
C MET B 125 1.71 -12.03 12.56
N ALA B 126 2.97 -11.90 12.18
CA ALA B 126 3.39 -11.57 10.80
C ALA B 126 3.89 -12.82 10.10
N VAL B 127 3.48 -12.99 8.86
CA VAL B 127 3.98 -14.05 7.94
C VAL B 127 4.82 -13.37 6.87
N ILE B 128 6.06 -13.80 6.73
CA ILE B 128 7.03 -13.15 5.82
C ILE B 128 7.19 -14.11 4.65
N ILE B 129 7.02 -13.57 3.45
CA ILE B 129 7.05 -14.32 2.17
C ILE B 129 8.51 -14.62 1.79
N GLY B 130 8.76 -15.85 1.32
CA GLY B 130 10.11 -16.38 0.97
C GLY B 130 10.46 -16.37 -0.51
N LYS B 131 9.48 -16.24 -1.39
CA LYS B 131 9.74 -16.18 -2.85
C LYS B 131 8.47 -15.71 -3.53
N ARG B 132 8.59 -15.27 -4.78
CA ARG B 132 7.48 -14.57 -5.48
C ARG B 132 6.31 -15.53 -5.58
N ALA B 133 5.14 -15.10 -5.12
CA ALA B 133 3.93 -15.93 -5.00
C ALA B 133 2.88 -15.26 -5.86
N ARG B 134 2.57 -15.90 -6.98
CA ARG B 134 1.50 -15.44 -7.90
C ARG B 134 0.53 -16.61 -8.09
N ARG B 135 -0.75 -16.38 -7.84
CA ARG B 135 -1.82 -17.39 -8.10
C ARG B 135 -1.40 -18.71 -7.45
N VAL B 136 -1.03 -18.69 -6.17
CA VAL B 136 -0.54 -19.90 -5.44
C VAL B 136 -1.77 -20.60 -4.88
N LYS B 137 -1.82 -21.93 -4.99
CA LYS B 137 -2.90 -22.75 -4.40
C LYS B 137 -2.59 -22.98 -2.92
N GLN B 138 -3.64 -23.12 -2.10
CA GLN B 138 -3.46 -23.29 -0.64
C GLN B 138 -2.51 -24.48 -0.37
N ALA B 139 -2.66 -25.59 -1.11
CA ALA B 139 -1.84 -26.82 -0.96
C ALA B 139 -0.35 -26.53 -1.16
N ASP B 140 0.06 -25.53 -1.93
CA ASP B 140 1.50 -25.25 -2.22
C ASP B 140 2.03 -24.07 -1.41
N ALA B 141 1.17 -23.36 -0.68
CA ALA B 141 1.47 -22.01 -0.15
C ALA B 141 2.50 -22.10 0.99
N ALA B 142 2.54 -23.20 1.77
CA ALA B 142 3.54 -23.25 2.87
C ALA B 142 4.95 -23.04 2.29
N GLU B 143 5.21 -23.45 1.03
CA GLU B 143 6.54 -23.36 0.37
C GLU B 143 6.97 -21.89 0.21
N TYR B 144 6.03 -20.96 0.26
CA TYR B 144 6.30 -19.52 0.03
C TYR B 144 6.51 -18.77 1.35
N ILE B 145 6.46 -19.46 2.49
CA ILE B 145 6.62 -18.80 3.82
C ILE B 145 8.07 -18.93 4.26
N ALA B 146 8.75 -17.79 4.35
CA ALA B 146 10.13 -17.67 4.88
C ALA B 146 10.10 -17.91 6.39
N GLY B 147 9.09 -17.36 7.06
CA GLY B 147 9.07 -17.42 8.52
C GLY B 147 8.06 -16.48 9.10
N TYR B 148 8.09 -16.37 10.42
CA TYR B 148 7.09 -15.67 11.25
C TYR B 148 7.80 -14.68 12.15
N ALA B 149 7.08 -13.62 12.49
CA ALA B 149 7.51 -12.67 13.52
C ALA B 149 6.29 -12.08 14.19
N VAL B 150 6.52 -11.06 14.99
CA VAL B 150 5.43 -10.42 15.77
C VAL B 150 5.28 -8.98 15.28
N MET B 151 4.06 -8.46 15.29
CA MET B 151 3.87 -7.04 14.97
C MET B 151 2.78 -6.47 15.88
N ASN B 152 2.89 -5.21 16.21
CA ASN B 152 1.76 -4.42 16.77
C ASN B 152 1.15 -3.61 15.62
N ASP B 153 -0.04 -3.98 15.19
CA ASP B 153 -0.85 -3.21 14.21
C ASP B 153 -1.37 -1.97 14.93
N TYR B 154 -0.45 -1.09 15.30
CA TYR B 154 -0.71 0.10 16.14
C TYR B 154 -1.70 1.03 15.41
N THR B 155 -2.78 1.39 16.08
CA THR B 155 -3.99 1.96 15.45
C THR B 155 -4.27 3.35 16.05
N THR B 156 -4.62 4.30 15.19
CA THR B 156 -5.26 5.59 15.58
C THR B 156 -6.76 5.48 15.30
N ARG B 157 -7.57 5.13 16.31
CA ARG B 157 -8.96 4.67 16.05
C ARG B 157 -9.79 5.80 15.46
N ASP B 158 -9.49 7.05 15.80
CA ASP B 158 -10.26 8.22 15.31
C ASP B 158 -10.00 8.36 13.81
N PHE B 159 -8.77 8.15 13.34
CA PHE B 159 -8.48 8.17 11.88
C PHE B 159 -9.09 6.91 11.23
N GLN B 160 -9.03 5.78 11.92
CA GLN B 160 -9.45 4.48 11.35
C GLN B 160 -10.92 4.56 10.94
N TYR B 161 -11.77 5.21 11.75
CA TYR B 161 -13.23 5.23 11.52
C TYR B 161 -13.69 6.57 10.94
N ALA B 162 -12.79 7.43 10.46
CA ALA B 162 -13.14 8.80 10.02
C ALA B 162 -13.93 8.79 8.72
N ALA B 163 -13.55 8.06 7.66
CA ALA B 163 -14.13 8.31 6.30
C ALA B 163 -14.12 7.09 5.39
N PRO B 164 -15.22 6.86 4.64
CA PRO B 164 -16.47 7.60 4.82
C PRO B 164 -17.14 7.11 6.11
N ALA B 165 -18.05 7.88 6.68
CA ALA B 165 -18.49 7.66 8.09
C ALA B 165 -19.25 6.33 8.21
N LYS B 166 -20.04 5.94 7.20
CA LYS B 166 -20.87 4.71 7.28
C LYS B 166 -20.02 3.46 7.01
N THR B 167 -19.05 3.53 6.11
CA THR B 167 -18.17 2.38 5.80
C THR B 167 -16.74 2.90 5.73
N PRO B 168 -16.15 3.26 6.88
CA PRO B 168 -14.82 3.88 6.90
C PRO B 168 -13.77 2.90 6.33
N GLN B 169 -12.85 3.47 5.55
CA GLN B 169 -11.61 2.80 5.06
C GLN B 169 -10.57 2.94 6.18
N TRP B 170 -10.09 1.82 6.68
CA TRP B 170 -9.26 1.77 7.91
C TRP B 170 -7.83 2.26 7.67
N HIS B 171 -7.36 2.18 6.43
CA HIS B 171 -5.95 2.44 6.02
C HIS B 171 -5.39 3.65 6.77
N GLN B 172 -6.05 4.81 6.74
CA GLN B 172 -5.45 6.05 7.29
C GLN B 172 -5.26 5.94 8.81
N GLY B 173 -5.94 5.03 9.51
CA GLY B 173 -5.74 4.80 10.96
C GLY B 173 -4.77 3.65 11.24
N LYS B 174 -4.26 3.04 10.19
CA LYS B 174 -3.46 1.80 10.26
C LYS B 174 -2.08 2.00 9.64
N SER B 175 -1.68 3.22 9.34
CA SER B 175 -0.42 3.46 8.60
C SER B 175 0.29 4.72 9.10
N LEU B 176 0.01 5.16 10.32
CA LEU B 176 0.79 6.24 10.99
C LEU B 176 2.28 5.88 10.88
N GLU B 177 3.09 6.80 10.44
CA GLU B 177 4.52 6.47 10.21
C GLU B 177 5.18 6.16 11.56
N LYS B 178 6.08 5.19 11.61
CA LYS B 178 6.93 4.93 12.81
C LYS B 178 6.02 4.56 14.00
N SER B 179 5.08 3.64 13.81
CA SER B 179 4.07 3.26 14.83
C SER B 179 4.11 1.76 15.16
N ALA B 180 4.50 0.90 14.23
CA ALA B 180 4.22 -0.54 14.30
C ALA B 180 5.49 -1.33 14.62
N GLY B 181 5.64 -1.76 15.88
CA GLY B 181 6.76 -2.62 16.30
C GLY B 181 6.74 -3.94 15.54
N PHE B 182 7.90 -4.41 15.06
CA PHE B 182 7.96 -5.54 14.11
C PHE B 182 9.22 -6.36 14.37
N GLY B 183 9.08 -7.56 14.93
CA GLY B 183 10.25 -8.41 15.25
C GLY B 183 9.87 -9.48 16.26
N PRO B 184 10.76 -9.81 17.22
CA PRO B 184 12.10 -9.23 17.32
C PRO B 184 13.04 -9.71 16.21
N TRP B 185 12.66 -10.80 15.56
CA TRP B 185 13.45 -11.50 14.52
C TRP B 185 12.49 -12.43 13.80
N MET B 186 12.86 -12.95 12.65
CA MET B 186 12.02 -13.91 11.91
C MET B 186 12.45 -15.30 12.33
N THR B 187 11.48 -16.14 12.68
CA THR B 187 11.69 -17.58 12.95
C THR B 187 11.17 -18.40 11.77
N THR B 188 12.02 -19.26 11.17
CA THR B 188 11.65 -20.10 10.01
C THR B 188 10.64 -21.16 10.47
N PRO B 189 9.76 -21.62 9.57
CA PRO B 189 8.73 -22.59 9.93
C PRO B 189 9.23 -23.92 10.52
N ASP B 190 10.47 -24.33 10.27
CA ASP B 190 11.00 -25.59 10.86
C ASP B 190 11.23 -25.39 12.37
N SER B 191 11.18 -24.16 12.87
CA SER B 191 11.58 -23.84 14.27
C SER B 191 10.41 -23.22 15.03
N PHE B 192 9.21 -23.29 14.48
CA PHE B 192 7.98 -22.73 15.12
C PHE B 192 6.85 -23.73 14.94
N GLU B 193 6.05 -23.91 15.98
CA GLU B 193 4.78 -24.67 15.93
C GLU B 193 3.64 -23.76 16.35
N PHE B 194 2.54 -23.78 15.61
CA PHE B 194 1.32 -23.03 16.00
C PHE B 194 0.72 -23.71 17.23
N GLY B 195 0.07 -22.95 18.10
CA GLY B 195 -0.66 -23.47 19.27
C GLY B 195 -0.37 -22.67 20.51
N GLY B 196 0.86 -22.16 20.63
CA GLY B 196 1.33 -21.21 21.65
C GLY B 196 0.44 -19.98 21.73
N GLU B 197 0.54 -19.25 22.84
CA GLU B 197 -0.28 -18.06 23.13
C GLU B 197 0.32 -16.83 22.43
N LEU B 198 -0.56 -16.04 21.84
CA LEU B 198 -0.33 -14.62 21.46
C LEU B 198 -0.98 -13.78 22.55
N ALA B 199 -0.19 -12.94 23.18
CA ALA B 199 -0.66 -12.10 24.29
C ALA B 199 -0.10 -10.69 24.08
N THR B 200 -0.91 -9.70 24.42
CA THR B 200 -0.57 -8.27 24.47
C THR B 200 -0.72 -7.81 25.93
N TYR B 201 0.20 -6.97 26.37
CA TYR B 201 0.25 -6.37 27.72
C TYR B 201 0.27 -4.85 27.56
N LEU B 202 -0.55 -4.15 28.34
CA LEU B 202 -0.53 -2.68 28.47
C LEU B 202 0.02 -2.37 29.86
N GLU B 203 1.18 -1.74 29.97
CA GLU B 203 1.74 -1.36 31.30
C GLU B 203 1.87 -2.62 32.15
N GLY B 204 2.16 -3.78 31.55
CA GLY B 204 2.34 -5.03 32.29
C GLY B 204 1.06 -5.81 32.51
N GLU B 205 -0.15 -5.26 32.27
CA GLU B 205 -1.42 -6.03 32.38
C GLU B 205 -1.79 -6.67 31.03
N LYS B 206 -2.15 -7.96 31.04
CA LYS B 206 -2.60 -8.72 29.85
C LYS B 206 -3.91 -8.12 29.35
N VAL B 207 -4.00 -7.74 28.08
CA VAL B 207 -5.24 -7.17 27.50
C VAL B 207 -5.67 -8.00 26.28
N GLN B 208 -4.80 -8.85 25.76
CA GLN B 208 -5.20 -9.78 24.68
C GLN B 208 -4.61 -11.14 24.98
N SER B 209 -5.30 -12.19 24.56
CA SER B 209 -4.86 -13.60 24.75
C SER B 209 -5.59 -14.51 23.76
N THR B 210 -4.84 -15.31 23.01
CA THR B 210 -5.43 -16.33 22.10
C THR B 210 -4.37 -17.36 21.79
N PRO B 211 -4.80 -18.62 21.56
CA PRO B 211 -3.93 -19.63 20.95
C PRO B 211 -3.73 -19.25 19.48
N THR B 212 -2.54 -19.49 18.93
CA THR B 212 -2.14 -19.07 17.56
C THR B 212 -2.74 -20.02 16.53
N ASN B 213 -3.26 -21.18 16.93
CA ASN B 213 -3.80 -22.15 15.95
C ASN B 213 -5.32 -22.04 15.89
N ASP B 214 -5.89 -20.89 16.22
CA ASP B 214 -7.35 -20.69 16.17
C ASP B 214 -7.73 -19.79 14.99
N LEU B 215 -6.97 -19.78 13.89
CA LEU B 215 -7.22 -18.84 12.77
C LEU B 215 -8.43 -19.30 11.95
N VAL B 216 -9.25 -18.36 11.49
CA VAL B 216 -10.30 -18.65 10.46
C VAL B 216 -9.59 -18.87 9.13
N PHE B 217 -8.75 -17.91 8.71
CA PHE B 217 -7.95 -17.96 7.46
C PHE B 217 -6.50 -18.25 7.86
N SER B 218 -6.00 -19.45 7.57
CA SER B 218 -4.61 -19.89 7.80
C SER B 218 -3.68 -19.03 6.96
N PRO B 219 -2.38 -18.87 7.29
CA PRO B 219 -1.45 -18.20 6.38
C PRO B 219 -1.52 -18.75 4.93
N GLU B 220 -1.71 -20.06 4.76
CA GLU B 220 -1.75 -20.70 3.43
C GLU B 220 -2.98 -20.21 2.66
N LYS B 221 -4.13 -20.11 3.33
CA LYS B 221 -5.40 -19.62 2.75
C LYS B 221 -5.27 -18.13 2.38
N LEU B 222 -4.67 -17.35 3.26
CA LEU B 222 -4.43 -15.91 3.01
C LEU B 222 -3.49 -15.74 1.81
N ILE B 223 -2.47 -16.57 1.65
CA ILE B 223 -1.57 -16.53 0.47
C ILE B 223 -2.36 -16.86 -0.79
N GLU B 224 -3.12 -17.97 -0.79
CA GLU B 224 -3.98 -18.30 -1.96
C GLU B 224 -4.88 -17.09 -2.24
N TYR B 225 -5.56 -16.57 -1.24
CA TYR B 225 -6.60 -15.55 -1.50
C TYR B 225 -5.92 -14.32 -2.10
N ILE B 226 -4.90 -13.82 -1.42
CA ILE B 226 -4.24 -12.53 -1.81
C ILE B 226 -3.63 -12.70 -3.21
N THR B 227 -2.84 -13.76 -3.44
CA THR B 227 -2.02 -13.90 -4.65
C THR B 227 -2.87 -14.18 -5.88
N HIS B 228 -4.20 -14.40 -5.79
CA HIS B 228 -5.05 -14.43 -7.01
C HIS B 228 -5.52 -13.01 -7.34
N ILE B 229 -5.13 -12.03 -6.53
CA ILE B 229 -5.50 -10.60 -6.79
C ILE B 229 -4.25 -9.89 -7.30
N TYR B 230 -3.18 -9.94 -6.52
CA TYR B 230 -1.84 -9.42 -6.90
C TYR B 230 -0.74 -10.30 -6.30
N PRO B 231 0.44 -10.35 -6.90
CA PRO B 231 1.52 -11.18 -6.37
C PRO B 231 2.04 -10.66 -5.03
N LEU B 232 2.61 -11.57 -4.23
CA LEU B 232 3.45 -11.22 -3.07
C LEU B 232 4.90 -11.55 -3.45
N ASP B 233 5.82 -10.65 -3.14
CA ASP B 233 7.24 -10.89 -3.40
C ASP B 233 7.94 -11.37 -2.14
N ALA B 234 9.12 -11.93 -2.31
CA ALA B 234 10.05 -12.25 -1.20
C ALA B 234 10.19 -10.99 -0.36
N GLY B 235 10.06 -11.10 0.96
CA GLY B 235 10.21 -9.93 1.83
C GLY B 235 8.89 -9.20 2.05
N ASP B 236 7.79 -9.62 1.44
CA ASP B 236 6.46 -9.02 1.72
C ASP B 236 5.88 -9.71 2.96
N VAL B 237 4.94 -9.03 3.59
CA VAL B 237 4.43 -9.41 4.92
C VAL B 237 2.90 -9.54 4.90
N ILE B 238 2.37 -10.61 5.46
CA ILE B 238 0.92 -10.72 5.78
C ILE B 238 0.77 -10.66 7.30
N VAL B 239 -0.03 -9.72 7.81
CA VAL B 239 -0.29 -9.61 9.27
C VAL B 239 -1.66 -10.27 9.53
N THR B 240 -1.70 -11.38 10.27
CA THR B 240 -2.81 -12.38 10.18
C THR B 240 -4.01 -12.04 11.08
N GLY B 241 -3.99 -10.92 11.80
CA GLY B 241 -5.16 -10.39 12.53
C GLY B 241 -4.94 -10.41 14.03
N THR B 242 -5.84 -9.73 14.77
CA THR B 242 -5.76 -9.57 16.24
C THR B 242 -6.97 -10.22 16.88
N PRO B 243 -6.85 -10.78 18.11
CA PRO B 243 -8.03 -11.26 18.84
C PRO B 243 -8.75 -10.10 19.56
N GLY B 244 -9.64 -10.39 20.51
CA GLY B 244 -10.39 -9.36 21.30
C GLY B 244 -9.52 -8.69 22.33
N GLY B 245 -10.07 -7.73 23.10
CA GLY B 245 -9.35 -7.03 24.18
C GLY B 245 -8.66 -5.75 23.71
N VAL B 246 -8.97 -5.26 22.50
CA VAL B 246 -8.51 -3.93 22.03
C VAL B 246 -9.14 -2.84 22.92
N GLY B 247 -8.40 -1.76 23.18
CA GLY B 247 -8.80 -0.71 24.12
C GLY B 247 -10.10 -0.04 23.68
N HIS B 248 -10.27 0.06 22.36
CA HIS B 248 -11.41 0.78 21.74
C HIS B 248 -12.72 0.10 22.14
N ALA B 249 -12.71 -1.23 22.38
CA ALA B 249 -13.93 -2.03 22.67
C ALA B 249 -14.06 -2.32 24.17
N ARG B 250 -13.16 -1.81 25.02
CA ARG B 250 -13.17 -2.13 26.47
C ARG B 250 -14.16 -1.20 27.18
N ASN B 251 -14.51 -1.56 28.40
CA ASN B 251 -15.50 -0.87 29.28
C ASN B 251 -14.80 -0.65 30.63
N PRO B 252 -14.30 0.57 30.92
CA PRO B 252 -14.41 1.72 30.04
C PRO B 252 -13.43 1.68 28.83
N GLN B 253 -13.78 2.39 27.76
CA GLN B 253 -12.91 2.58 26.58
C GLN B 253 -11.51 3.03 27.03
N ARG B 254 -10.44 2.42 26.53
CA ARG B 254 -9.06 2.61 27.05
C ARG B 254 -8.14 2.79 25.84
N TYR B 255 -7.41 3.89 25.81
CA TYR B 255 -6.41 4.22 24.77
C TYR B 255 -5.06 4.33 25.43
N ILE B 256 -4.01 4.31 24.61
CA ILE B 256 -2.60 4.35 25.09
C ILE B 256 -2.31 5.80 25.45
N GLY B 257 -1.78 6.03 26.65
CA GLY B 257 -1.34 7.34 27.11
C GLY B 257 0.14 7.53 26.93
N ASP B 258 0.57 8.77 27.11
CA ASP B 258 1.98 9.20 27.08
C ASP B 258 2.76 8.37 28.08
N GLY B 259 3.88 7.78 27.64
CA GLY B 259 4.78 6.98 28.48
C GLY B 259 4.36 5.53 28.60
N GLU B 260 3.19 5.12 28.12
CA GLU B 260 2.69 3.73 28.35
C GLU B 260 3.30 2.77 27.29
N THR B 261 3.57 1.53 27.73
CA THR B 261 4.31 0.48 26.97
C THR B 261 3.34 -0.64 26.60
N VAL B 262 3.35 -1.05 25.33
CA VAL B 262 2.59 -2.22 24.85
C VAL B 262 3.61 -3.28 24.49
N LYS B 263 3.40 -4.47 25.03
CA LYS B 263 4.24 -5.65 24.76
C LYS B 263 3.37 -6.65 24.03
N VAL B 264 3.88 -7.22 22.94
CA VAL B 264 3.16 -8.30 22.19
C VAL B 264 4.10 -9.48 22.19
N GLU B 265 3.62 -10.63 22.65
CA GLU B 265 4.43 -11.86 22.81
C GLU B 265 3.72 -13.02 22.11
N ILE B 266 4.49 -13.79 21.36
CA ILE B 266 4.00 -15.05 20.77
C ILE B 266 4.98 -16.12 21.22
N ALA B 267 4.49 -17.05 22.03
CA ALA B 267 5.30 -18.17 22.53
C ALA B 267 5.92 -18.89 21.32
N GLY B 268 7.24 -18.95 21.25
CA GLY B 268 8.01 -19.58 20.15
C GLY B 268 8.61 -18.57 19.18
N LEU B 269 8.18 -17.30 19.22
CA LEU B 269 8.63 -16.24 18.27
C LEU B 269 9.40 -15.14 19.01
N GLY B 270 9.15 -14.98 20.31
CA GLY B 270 9.71 -13.86 21.07
C GLY B 270 8.68 -12.79 21.28
N PHE B 271 9.13 -11.56 21.56
CA PHE B 271 8.22 -10.45 21.90
C PHE B 271 8.82 -9.11 21.46
N ILE B 272 7.92 -8.15 21.35
CA ILE B 272 8.21 -6.73 21.05
C ILE B 272 7.62 -5.92 22.18
N GLU B 273 8.19 -4.75 22.42
CA GLU B 273 7.80 -3.90 23.56
C GLU B 273 8.11 -2.46 23.17
N ASN B 274 7.07 -1.70 22.88
CA ASN B 274 7.17 -0.33 22.34
C ASN B 274 6.51 0.64 23.33
N LYS B 275 7.27 1.64 23.77
CA LYS B 275 6.74 2.74 24.62
C LYS B 275 6.16 3.85 23.73
N THR B 276 4.91 4.24 23.97
CA THR B 276 4.30 5.42 23.32
C THR B 276 4.90 6.66 23.99
N VAL B 277 5.32 7.61 23.17
CA VAL B 277 5.90 8.87 23.60
C VAL B 277 5.26 10.01 22.80
N PHE B 278 4.64 10.95 23.47
CA PHE B 278 4.01 12.06 22.80
C PHE B 278 5.12 13.03 22.35
N GLU B 279 5.07 13.49 21.14
CA GLU B 279 6.05 14.41 20.63
C GLU B 279 6.22 15.70 21.48
N LEU B 280 7.45 16.19 21.53
CA LEU B 280 7.85 17.39 22.27
C LEU B 280 6.89 18.54 22.27
#